data_8PJ8
#
_entry.id   8PJ8
#
_cell.length_a   45.223
_cell.length_b   48.369
_cell.length_c   57.195
_cell.angle_alpha   90.000
_cell.angle_beta   90.000
_cell.angle_gamma   90.000
#
_symmetry.space_group_name_H-M   'P 21 21 21'
#
loop_
_entity.id
_entity.type
_entity.pdbx_description
1 polymer 'Peptidyl-prolyl cis-trans isomerase FKBP5'
2 non-polymer '2-[3-[(1~{R})-1-[(2~{S})-1-[(2~{S})-2-cyclohexyl-2-(3,4,5-trimethoxyphenyl)ethanoyl]piperidin-2-yl]carbonyloxy-3-(3,4-dimethoxyphenyl)propyl]phenoxy]ethanoic acid'
3 water water
#
_entity_poly.entity_id   1
_entity_poly.type   'polypeptide(L)'
_entity_poly.pdbx_seq_one_letter_code
;GAPATVTEQGEDITSKKDRGVLKIVKRVGNGEETP(NLE)IGDKVYVHYKG(ORN)LSNGKKEDSSHDRNEPFVFSLGKG
QVIKAWDIGVAT(NLE)KKGEIAHLLIKPEYAYGSAGSLPKIPSNATLFFEIELLDFKGE
;
_entity_poly.pdbx_strand_id   A
#
loop_
_chem_comp.id
_chem_comp.type
_chem_comp.name
_chem_comp.formula
GY1 non-polymer '2-[3-[(1~{R})-1-[(2~{S})-1-[(2~{S})-2-cyclohexyl-2-(3,4,5-trimethoxyphenyl)ethanoyl]piperidin-2-yl]carbonyloxy-3-(3,4-dimethoxyphenyl)propyl]phenoxy]ethanoic acid' 'C42 H53 N O11'
#
# COMPACT_ATOMS: atom_id res chain seq x y z
N GLY A 1 6.95 4.02 -16.51
CA GLY A 1 6.66 4.93 -15.39
C GLY A 1 6.89 4.22 -14.05
N ALA A 2 6.17 4.70 -13.03
CA ALA A 2 6.40 4.27 -11.67
C ALA A 2 6.11 2.78 -11.51
N PRO A 3 5.01 2.22 -12.06
CA PRO A 3 4.78 0.76 -11.96
C PRO A 3 5.91 -0.08 -12.58
N ALA A 4 6.44 0.35 -13.72
CA ALA A 4 7.51 -0.40 -14.37
C ALA A 4 8.78 -0.44 -13.53
N THR A 5 9.11 0.66 -12.86
CA THR A 5 10.28 0.70 -12.00
C THR A 5 10.09 -0.28 -10.85
N VAL A 6 8.90 -0.35 -10.29
CA VAL A 6 8.63 -1.29 -9.20
C VAL A 6 8.78 -2.74 -9.67
N THR A 7 8.25 -3.07 -10.84
CA THR A 7 8.44 -4.40 -11.36
C THR A 7 9.91 -4.80 -11.47
N GLU A 8 10.75 -3.90 -12.01
CA GLU A 8 12.13 -4.22 -12.31
C GLU A 8 13.03 -4.10 -11.09
N GLN A 9 12.74 -3.13 -10.22
CA GLN A 9 13.65 -2.76 -9.14
C GLN A 9 13.01 -2.96 -7.76
N GLY A 10 11.72 -3.28 -7.71
CA GLY A 10 11.02 -3.36 -6.44
C GLY A 10 11.44 -4.57 -5.61
N GLU A 11 11.45 -4.40 -4.28
CA GLU A 11 11.72 -5.45 -3.34
C GLU A 11 10.43 -6.24 -3.07
N ASP A 12 10.56 -7.55 -3.02
CA ASP A 12 9.46 -8.44 -2.71
C ASP A 12 9.35 -8.55 -1.19
N ILE A 13 8.29 -7.98 -0.64
CA ILE A 13 8.12 -7.92 0.80
C ILE A 13 7.12 -8.95 1.30
N THR A 14 6.70 -9.89 0.45
CA THR A 14 5.84 -10.97 0.87
C THR A 14 6.60 -12.03 1.67
N SER A 15 5.87 -12.69 2.56
CA SER A 15 6.41 -13.80 3.32
C SER A 15 6.71 -15.00 2.41
N LYS A 16 5.84 -15.24 1.40
CA LYS A 16 5.97 -16.37 0.50
C LYS A 16 6.99 -16.12 -0.62
N LYS A 17 7.44 -14.88 -0.76
CA LYS A 17 8.34 -14.47 -1.84
C LYS A 17 7.73 -14.85 -3.19
N ASP A 18 6.49 -14.40 -3.41
CA ASP A 18 5.76 -14.67 -4.64
C ASP A 18 5.55 -13.41 -5.47
N ARG A 19 6.31 -12.35 -5.15
CA ARG A 19 6.25 -11.07 -5.83
C ARG A 19 4.83 -10.46 -5.80
N GLY A 20 4.02 -10.86 -4.83
CA GLY A 20 2.65 -10.35 -4.75
C GLY A 20 2.54 -8.91 -4.29
N VAL A 21 3.56 -8.42 -3.59
CA VAL A 21 3.69 -7.05 -3.14
C VAL A 21 5.15 -6.66 -3.35
N LEU A 22 5.37 -5.72 -4.27
CA LEU A 22 6.68 -5.19 -4.57
C LEU A 22 6.74 -3.74 -4.13
N LYS A 23 7.89 -3.33 -3.56
CA LYS A 23 8.00 -2.02 -2.97
C LYS A 23 9.24 -1.29 -3.46
N ILE A 24 9.10 0.03 -3.66
CA ILE A 24 10.23 0.91 -3.74
C ILE A 24 10.04 2.06 -2.77
N VAL A 25 11.11 2.38 -2.04
CA VAL A 25 11.10 3.57 -1.22
C VAL A 25 11.41 4.75 -2.11
N LYS A 26 10.50 5.75 -2.09
CA LYS A 26 10.68 6.95 -2.91
C LYS A 26 11.17 8.14 -2.09
N ARG A 27 10.82 8.19 -0.82
CA ARG A 27 11.37 9.17 0.11
C ARG A 27 11.61 8.48 1.44
N VAL A 28 12.83 8.61 1.97
CA VAL A 28 13.21 7.94 3.19
C VAL A 28 12.59 8.69 4.36
N GLY A 29 12.06 7.91 5.31
CA GLY A 29 11.44 8.48 6.49
C GLY A 29 12.46 8.58 7.63
N ASN A 30 11.94 8.91 8.81
CA ASN A 30 12.77 9.25 9.94
C ASN A 30 12.67 8.15 10.99
N GLY A 31 13.73 8.02 11.79
CA GLY A 31 13.71 7.09 12.91
C GLY A 31 13.98 5.66 12.44
N GLU A 32 13.81 4.73 13.37
CA GLU A 32 13.97 3.32 13.04
C GLU A 32 12.64 2.57 13.16
N GLU A 33 11.66 3.15 13.83
CA GLU A 33 10.49 2.36 14.19
C GLU A 33 9.58 2.25 12.97
N THR A 34 8.95 1.06 12.87
CA THR A 34 7.92 0.84 11.87
C THR A 34 6.72 0.28 12.62
N PRO A 35 5.49 0.46 12.14
CA PRO A 35 4.35 0.16 13.00
C PRO A 35 4.21 -1.35 13.30
N NLE A 36 3.62 -1.53 14.50
CA NLE A 36 3.31 -2.91 14.96
C NLE A 36 1.84 -3.24 14.64
O NLE A 36 1.04 -2.29 14.59
CB NLE A 36 3.58 -2.99 16.46
CG NLE A 36 5.02 -2.67 16.86
CD NLE A 36 5.96 -3.71 16.33
CE NLE A 36 7.36 -3.67 16.94
H NLE A 36 3.08 -0.92 14.93
HA NLE A 36 3.89 -3.54 14.49
HB2 NLE A 36 3.38 -3.89 16.77
HB3 NLE A 36 2.99 -2.36 16.93
HG2 NLE A 36 5.09 -2.65 17.83
HG3 NLE A 36 5.27 -1.79 16.51
HD2 NLE A 36 6.05 -3.59 15.36
HD3 NLE A 36 5.57 -4.60 16.48
HE1 NLE A 36 7.82 -4.51 16.76
HE2 NLE A 36 7.29 -3.53 17.90
HE3 NLE A 36 7.86 -2.93 16.55
N ILE A 37 1.60 -4.55 14.64
CA ILE A 37 0.14 -4.90 14.61
C ILE A 37 -0.57 -4.26 15.81
N GLY A 38 -1.73 -3.64 15.51
CA GLY A 38 -2.56 -2.97 16.48
C GLY A 38 -2.39 -1.46 16.46
N ASP A 39 -1.25 -1.01 15.95
CA ASP A 39 -0.98 0.43 15.98
C ASP A 39 -1.96 1.13 15.05
N LYS A 40 -2.34 2.35 15.41
CA LYS A 40 -3.18 3.20 14.58
C LYS A 40 -2.25 3.94 13.66
N VAL A 41 -2.50 3.83 12.34
CA VAL A 41 -1.63 4.43 11.33
C VAL A 41 -2.39 5.50 10.56
N TYR A 42 -1.65 6.53 10.20
CA TYR A 42 -2.18 7.68 9.50
C TYR A 42 -1.40 7.88 8.22
N VAL A 43 -2.09 7.85 7.09
CA VAL A 43 -1.42 7.92 5.80
C VAL A 43 -2.12 8.93 4.87
N HIS A 44 -1.34 9.32 3.86
CA HIS A 44 -1.89 9.84 2.61
C HIS A 44 -1.54 8.87 1.50
N TYR A 45 -2.37 8.77 0.45
CA TYR A 45 -2.07 7.83 -0.60
C TYR A 45 -2.75 8.27 -1.90
N LYS A 46 -2.26 7.71 -2.99
CA LYS A 46 -3.05 7.61 -4.21
C LYS A 46 -2.89 6.23 -4.79
N GLY A 47 -3.99 5.73 -5.35
CA GLY A 47 -4.06 4.37 -5.83
C GLY A 47 -4.68 4.31 -7.22
N ORN A 48 -4.20 3.35 -8.01
CA ORN A 48 -4.63 3.19 -9.40
CB ORN A 48 -3.57 3.73 -10.37
CG ORN A 48 -2.92 5.08 -10.02
CD ORN A 48 -3.61 6.24 -10.72
NE ORN A 48 -3.20 7.57 -10.23
C ORN A 48 -4.80 1.70 -9.70
O ORN A 48 -4.09 0.87 -9.14
H ORN A 48 -3.57 2.78 -7.69
HA ORN A 48 -5.48 3.65 -9.54
HB2 ORN A 48 -2.85 3.07 -10.44
HB3 ORN A 48 -3.98 3.81 -11.25
HG2 ORN A 48 -2.96 5.22 -9.05
HG3 ORN A 48 -1.98 5.07 -10.29
HD2 ORN A 48 -3.41 6.19 -11.68
HD3 ORN A 48 -4.57 6.14 -10.61
HE1 ORN A 48 -2.45 7.83 -10.61
N LEU A 49 -5.73 1.33 -10.59
CA LEU A 49 -5.60 0.04 -11.23
C LEU A 49 -4.36 0.13 -12.11
N SER A 50 -3.65 -0.97 -12.28
CA SER A 50 -2.52 -0.98 -13.22
C SER A 50 -3.03 -0.60 -14.61
N ASN A 51 -4.07 -1.30 -15.09
CA ASN A 51 -4.62 -1.09 -16.43
C ASN A 51 -5.89 -0.25 -16.36
N GLY A 52 -5.72 1.08 -16.31
CA GLY A 52 -6.82 2.02 -16.21
C GLY A 52 -6.35 3.43 -15.82
N LYS A 53 -7.18 4.44 -16.10
CA LYS A 53 -6.81 5.84 -15.87
C LYS A 53 -7.53 6.41 -14.64
N LYS A 54 -8.12 5.53 -13.83
CA LYS A 54 -8.95 5.90 -12.68
C LYS A 54 -8.13 5.91 -11.40
N GLU A 55 -8.14 7.05 -10.70
CA GLU A 55 -7.29 7.21 -9.54
C GLU A 55 -8.15 7.50 -8.32
N ASP A 56 -7.71 6.97 -7.19
CA ASP A 56 -8.29 7.33 -5.92
C ASP A 56 -7.20 7.99 -5.07
N SER A 57 -7.53 8.98 -4.25
CA SER A 57 -6.52 9.73 -3.53
C SER A 57 -7.10 10.25 -2.23
N SER A 58 -6.34 10.14 -1.14
CA SER A 58 -6.76 10.68 0.14
C SER A 58 -6.75 12.18 0.11
N HIS A 59 -6.07 12.78 -0.88
CA HIS A 59 -5.94 14.23 -0.92
C HIS A 59 -7.33 14.85 -1.15
N ASP A 60 -8.26 14.05 -1.67
CA ASP A 60 -9.64 14.47 -1.87
C ASP A 60 -10.45 14.47 -0.57
N ARG A 61 -10.07 13.64 0.42
CA ARG A 61 -10.61 13.76 1.76
C ARG A 61 -10.11 15.08 2.35
N ASN A 62 -8.96 15.56 1.84
CA ASN A 62 -8.14 16.61 2.42
C ASN A 62 -7.76 16.22 3.85
N GLU A 63 -7.78 14.92 4.14
CA GLU A 63 -7.71 14.40 5.50
C GLU A 63 -6.93 13.08 5.46
N PRO A 64 -6.10 12.81 6.50
CA PRO A 64 -5.48 11.50 6.61
C PRO A 64 -6.50 10.37 6.70
N PHE A 65 -6.05 9.30 6.08
CA PHE A 65 -6.73 8.05 6.08
C PHE A 65 -6.19 7.33 7.31
N VAL A 66 -7.07 6.73 8.12
CA VAL A 66 -6.63 6.13 9.37
C VAL A 66 -7.13 4.69 9.43
N PHE A 67 -6.26 3.79 9.89
CA PHE A 67 -6.66 2.43 10.11
C PHE A 67 -5.72 1.83 11.16
N SER A 68 -6.19 0.76 11.77
CA SER A 68 -5.37 -0.03 12.69
C SER A 68 -4.67 -1.15 11.92
N LEU A 69 -3.34 -1.21 12.08
CA LEU A 69 -2.53 -2.10 11.27
C LEU A 69 -2.74 -3.54 11.69
N GLY A 70 -2.89 -4.44 10.72
CA GLY A 70 -2.92 -5.87 10.97
C GLY A 70 -4.22 -6.33 11.61
N LYS A 71 -5.32 -5.60 11.35
CA LYS A 71 -6.62 -5.88 11.91
C LYS A 71 -7.61 -6.13 10.76
N GLY A 72 -7.10 -6.33 9.54
CA GLY A 72 -7.92 -6.60 8.36
C GLY A 72 -8.89 -5.45 8.05
N GLN A 73 -8.47 -4.23 8.32
CA GLN A 73 -9.24 -3.04 7.96
C GLN A 73 -8.99 -2.55 6.53
N VAL A 74 -7.95 -3.13 5.90
CA VAL A 74 -7.53 -2.82 4.55
C VAL A 74 -7.12 -4.13 3.88
N ILE A 75 -6.89 -4.07 2.57
CA ILE A 75 -6.40 -5.23 1.84
C ILE A 75 -5.08 -5.72 2.40
N LYS A 76 -4.82 -7.01 2.21
CA LYS A 76 -3.65 -7.67 2.77
C LYS A 76 -2.36 -6.93 2.44
N ALA A 77 -2.24 -6.48 1.21
CA ALA A 77 -1.03 -5.84 0.75
C ALA A 77 -0.69 -4.59 1.55
N TRP A 78 -1.72 -3.89 2.06
CA TRP A 78 -1.48 -2.72 2.91
C TRP A 78 -1.04 -3.10 4.33
N ASP A 79 -1.65 -4.12 4.93
CA ASP A 79 -1.17 -4.64 6.22
C ASP A 79 0.28 -5.05 6.09
N ILE A 80 0.67 -5.64 4.97
CA ILE A 80 2.07 -6.07 4.77
C ILE A 80 2.95 -4.86 4.51
N GLY A 81 2.54 -4.03 3.54
CA GLY A 81 3.35 -2.94 3.05
C GLY A 81 3.53 -1.81 4.05
N VAL A 82 2.46 -1.35 4.68
CA VAL A 82 2.55 -0.20 5.56
C VAL A 82 3.38 -0.56 6.78
N ALA A 83 3.37 -1.82 7.19
CA ALA A 83 4.16 -2.29 8.33
C ALA A 83 5.66 -2.11 8.09
N THR A 84 6.11 -2.00 6.83
CA THR A 84 7.51 -1.86 6.52
C THR A 84 7.93 -0.39 6.47
N NLE A 85 7.06 0.55 6.70
CA NLE A 85 7.40 1.97 6.46
C NLE A 85 7.77 2.63 7.79
O NLE A 85 7.17 2.35 8.80
CB NLE A 85 6.21 2.68 5.83
CG NLE A 85 5.83 2.08 4.47
CD NLE A 85 4.72 2.83 3.83
CE NLE A 85 5.09 4.22 3.37
H NLE A 85 6.30 0.49 7.22
HA NLE A 85 8.17 2.02 5.85
HB2 NLE A 85 6.44 3.63 5.71
HB3 NLE A 85 5.45 2.63 6.43
HG2 NLE A 85 5.56 1.16 4.60
HG3 NLE A 85 6.61 2.11 3.89
HD2 NLE A 85 3.97 2.90 4.46
HD3 NLE A 85 4.41 2.32 3.05
HE1 NLE A 85 4.42 4.55 2.74
HE2 NLE A 85 5.96 4.21 2.93
HE3 NLE A 85 5.13 4.83 4.14
N LYS A 86 8.65 3.64 7.58
CA LYS A 86 8.97 4.59 8.68
C LYS A 86 8.11 5.85 8.60
N LYS A 87 8.02 6.57 9.73
CA LYS A 87 7.29 7.83 9.73
C LYS A 87 7.96 8.76 8.70
N GLY A 88 7.15 9.37 7.85
CA GLY A 88 7.63 10.29 6.83
C GLY A 88 8.04 9.61 5.53
N GLU A 89 8.03 8.30 5.49
CA GLU A 89 8.44 7.56 4.31
C GLU A 89 7.35 7.67 3.26
N ILE A 90 7.76 7.79 2.00
CA ILE A 90 6.85 7.60 0.87
C ILE A 90 7.34 6.38 0.07
N ALA A 91 6.41 5.47 -0.24
CA ALA A 91 6.74 4.27 -0.97
C ALA A 91 5.77 4.04 -2.11
N HIS A 92 6.26 3.33 -3.12
CA HIS A 92 5.42 2.77 -4.18
C HIS A 92 5.26 1.28 -3.95
N LEU A 93 4.01 0.81 -4.09
CA LEU A 93 3.67 -0.60 -4.00
C LEU A 93 2.94 -1.05 -5.26
N LEU A 94 3.38 -2.18 -5.82
CA LEU A 94 2.69 -2.83 -6.91
C LEU A 94 2.18 -4.16 -6.36
N ILE A 95 0.89 -4.44 -6.56
CA ILE A 95 0.14 -5.43 -5.81
C ILE A 95 -0.62 -6.34 -6.77
N LYS A 96 -0.31 -7.63 -6.69
CA LYS A 96 -1.01 -8.66 -7.44
C LYS A 96 -2.36 -8.94 -6.78
N PRO A 97 -3.31 -9.47 -7.55
CA PRO A 97 -4.66 -9.64 -7.03
C PRO A 97 -4.78 -10.48 -5.76
N GLU A 98 -3.91 -11.45 -5.57
CA GLU A 98 -4.03 -12.34 -4.40
C GLU A 98 -3.92 -11.51 -3.10
N TYR A 99 -3.28 -10.34 -3.17
CA TYR A 99 -3.05 -9.55 -1.98
C TYR A 99 -3.96 -8.33 -2.00
N ALA A 100 -4.99 -8.34 -2.85
CA ALA A 100 -5.94 -7.24 -2.97
C ALA A 100 -7.34 -7.85 -3.04
N TYR A 101 -7.97 -7.82 -4.22
CA TYR A 101 -9.36 -8.22 -4.37
C TYR A 101 -9.54 -9.56 -5.07
N GLY A 102 -8.44 -10.22 -5.46
CA GLY A 102 -8.50 -11.59 -5.96
C GLY A 102 -9.33 -11.75 -7.23
N SER A 103 -9.76 -12.98 -7.45
CA SER A 103 -10.59 -13.28 -8.61
C SER A 103 -11.99 -12.65 -8.48
N ALA A 104 -12.49 -12.46 -7.26
CA ALA A 104 -13.78 -11.79 -7.02
C ALA A 104 -13.82 -10.35 -7.55
N GLY A 105 -12.72 -9.63 -7.31
CA GLY A 105 -12.75 -8.21 -7.55
C GLY A 105 -13.66 -7.51 -6.55
N SER A 106 -14.05 -6.29 -6.91
CA SER A 106 -14.97 -5.48 -6.11
C SER A 106 -15.79 -4.65 -7.08
N LEU A 107 -16.78 -5.30 -7.71
CA LEU A 107 -17.33 -4.81 -8.97
C LEU A 107 -18.35 -3.72 -8.67
N PRO A 108 -18.51 -2.68 -9.53
CA PRO A 108 -17.79 -2.56 -10.81
C PRO A 108 -16.45 -1.85 -10.75
N LYS A 109 -16.13 -1.25 -9.61
CA LYS A 109 -14.93 -0.45 -9.43
C LYS A 109 -13.65 -1.26 -9.70
N ILE A 110 -13.48 -2.39 -9.00
CA ILE A 110 -12.28 -3.23 -9.17
C ILE A 110 -12.65 -4.46 -10.00
N PRO A 111 -12.06 -4.69 -11.20
CA PRO A 111 -12.27 -5.95 -11.91
C PRO A 111 -11.66 -7.18 -11.23
N SER A 112 -12.07 -8.34 -11.70
CA SER A 112 -11.45 -9.59 -11.37
C SER A 112 -9.99 -9.55 -11.73
N ASN A 113 -9.15 -10.10 -10.85
CA ASN A 113 -7.74 -10.34 -11.09
C ASN A 113 -7.02 -9.04 -11.43
N ALA A 114 -7.34 -7.97 -10.69
CA ALA A 114 -6.73 -6.65 -10.91
C ALA A 114 -5.41 -6.49 -10.14
N THR A 115 -4.41 -5.99 -10.85
CA THR A 115 -3.20 -5.50 -10.19
C THR A 115 -3.44 -4.04 -9.82
N LEU A 116 -2.92 -3.65 -8.64
CA LEU A 116 -3.08 -2.30 -8.13
C LEU A 116 -1.71 -1.66 -7.90
N PHE A 117 -1.70 -0.35 -8.02
CA PHE A 117 -0.52 0.44 -7.74
C PHE A 117 -0.84 1.52 -6.73
N PHE A 118 0.00 1.71 -5.70
CA PHE A 118 -0.19 2.81 -4.77
C PHE A 118 1.10 3.58 -4.51
N GLU A 119 0.94 4.90 -4.31
CA GLU A 119 1.94 5.75 -3.68
C GLU A 119 1.40 6.04 -2.30
N ILE A 120 2.20 5.75 -1.26
CA ILE A 120 1.74 5.85 0.13
C ILE A 120 2.76 6.67 0.90
N GLU A 121 2.25 7.59 1.73
CA GLU A 121 3.06 8.37 2.65
C GLU A 121 2.59 7.97 4.06
N LEU A 122 3.51 7.50 4.90
CA LEU A 122 3.16 7.23 6.29
C LEU A 122 3.33 8.50 7.09
N LEU A 123 2.24 9.09 7.57
CA LEU A 123 2.28 10.35 8.30
C LEU A 123 2.71 10.16 9.74
N ASP A 124 2.13 9.16 10.38
CA ASP A 124 2.30 8.95 11.80
C ASP A 124 1.73 7.57 12.15
N PHE A 125 2.10 7.06 13.30
CA PHE A 125 1.47 5.90 13.90
C PHE A 125 1.58 5.97 15.41
N LYS A 126 0.58 5.38 16.08
CA LYS A 126 0.47 5.46 17.54
C LYS A 126 0.15 4.06 18.06
N GLY A 127 0.67 3.71 19.25
CA GLY A 127 0.24 2.48 19.88
C GLY A 127 -1.26 2.48 20.21
N GLU A 128 -1.87 1.28 20.18
CA GLU A 128 -3.26 1.11 20.56
C GLU A 128 -3.45 1.50 22.04
CBU GY1 B . -13.18 -1.31 -2.81
OBT GY1 B . -13.60 -0.11 -2.15
CBS GY1 B . -12.67 0.88 -2.14
CBR GY1 B . -11.37 0.73 -2.69
CBV GY1 B . -13.09 2.12 -1.67
OBW GY1 B . -14.40 2.27 -1.09
CBX GY1 B . -15.44 2.52 -2.00
CBY GY1 B . -12.22 3.21 -1.62
OBZ GY1 B . -12.75 4.35 -1.08
CCA GY1 B . -11.81 5.44 -0.81
CBQ GY1 B . -10.94 3.08 -2.13
CBP GY1 B . -10.50 1.86 -2.61
CBI GY1 B . -9.11 1.75 -3.14
CBJ GY1 B . -9.05 1.47 -4.68
CBK GY1 B . -9.90 2.45 -5.47
CBL GY1 B . -9.77 2.27 -6.96
CBM GY1 B . -8.29 2.31 -7.44
CBN GY1 B . -7.44 1.28 -6.66
CBO GY1 B . -7.59 1.62 -5.18
CBG GY1 B . -8.40 0.62 -2.39
OBH GY1 B . -8.28 -0.49 -2.88
N GY1 B . -7.86 0.89 -1.16
CBE GY1 B . -8.13 2.16 -0.45
CBD GY1 B . -6.92 2.60 0.35
CBC GY1 B . -6.45 1.46 1.19
CB GY1 B . -6.11 0.21 0.42
CA GY1 B . -7.32 -0.24 -0.38
C GY1 B . -8.31 -0.85 0.56
O GY1 B . -7.96 -1.58 1.48
OAX GY1 B . -9.60 -0.48 0.41
CAK GY1 B . -10.55 -0.88 1.47
CAJ GY1 B . -10.81 0.34 2.22
CAF GY1 B . -10.39 0.50 3.54
CAI GY1 B . -11.36 1.49 1.57
CAH GY1 B . -11.54 2.64 2.28
CAG GY1 B . -11.11 2.78 3.58
CAE GY1 B . -10.56 1.68 4.22
OAD GY1 B . -10.08 1.67 5.49
CAC GY1 B . -10.06 2.87 6.20
CAA GY1 B . -11.45 3.29 6.58
OCB GY1 B . -11.63 4.48 6.92
OAB GY1 B . -12.40 2.42 6.57
CAL GY1 B . -11.75 -1.55 0.81
CAM GY1 B . -12.60 -2.33 1.82
CAN GY1 B . -11.95 -3.55 2.32
CAO GY1 B . -11.72 -4.67 1.49
CAP GY1 B . -11.46 -3.63 3.63
CAQ GY1 B . -10.82 -4.79 4.09
CAR GY1 B . -10.62 -5.86 3.24
OAS GY1 B . -9.96 -7.00 3.59
CAT GY1 B . -9.58 -7.23 4.96
CAU GY1 B . -11.01 -5.80 1.94
OAV GY1 B . -10.68 -6.96 1.18
CAW GY1 B . -10.90 -6.86 -0.23
HCB GY1 B . -14.03 -2.00 -2.83
HCC GY1 B . -12.37 -1.77 -2.27
HBU GY1 B . -12.90 -1.09 -3.84
HBR GY1 B . -10.99 -0.20 -3.08
HCE GY1 B . -15.30 3.51 -2.45
HBX GY1 B . -16.40 2.49 -1.47
HCD GY1 B . -15.43 1.76 -2.78
HCH GY1 B . -12.33 6.22 -0.26
HCF GY1 B . -11.42 5.85 -1.74
HCG GY1 B . -10.98 5.07 -0.20
HBQ GY1 B . -10.26 3.91 -2.10
HBI GY1 B . -8.58 2.68 -2.99
HBJ GY1 B . -9.42 0.46 -4.90
HB6 GY1 B . -9.56 3.41 -5.34
HBK GY1 B . -10.92 2.33 -5.35
HBL GY1 B . -10.33 3.06 -7.46
HB7 GY1 B . -10.20 1.31 -7.24
HBM GY1 B . -7.88 3.31 -7.28
HB8 GY1 B . -8.25 2.07 -8.51
HB9 GY1 B . -7.81 0.27 -6.85
HBN GY1 B . -6.39 1.35 -6.96
HCA GY1 B . -7.38 0.58 -4.95
HBO GY1 B . -6.76 1.93 -4.55
HBE GY1 B . -8.36 2.96 -1.13
HB5 GY1 B . -8.98 2.03 0.23
HBD GY1 B . -7.13 3.31 1.10
HB4 GY1 B . -6.06 2.79 -0.21
HBC GY1 B . -7.16 1.09 1.86
HB3 GY1 B . -5.55 1.65 1.64
HB1 GY1 B . -5.88 -0.60 1.00
HB2 GY1 B . -5.43 0.39 -0.34
HA GY1 B . -6.97 -1.03 -1.06
HAK GY1 B . -10.09 -1.61 2.14
HAF GY1 B . -9.91 -0.32 4.04
HAI GY1 B . -11.70 1.42 0.54
HAH GY1 B . -11.99 3.50 1.78
HAG GY1 B . -11.28 3.72 4.08
HAD GY1 B . -9.61 2.80 7.15
HAC GY1 B . -9.78 3.75 5.62
HAM GY1 B . -12.37 -0.81 0.33
HAL GY1 B . -11.39 -2.25 0.05
HAO GY1 B . -12.83 -1.69 2.67
HAN GY1 B . -13.54 -2.62 1.35
HAP GY1 B . -12.02 -4.60 0.44
HAQ GY1 B . -11.65 -2.81 4.33
HAR GY1 B . -10.49 -4.82 5.12
HAV GY1 B . -8.87 -6.48 5.28
HAT GY1 B . -9.11 -8.21 5.03
HAU GY1 B . -10.45 -7.21 5.60
HAY GY1 B . -10.56 -7.78 -0.72
HAW GY1 B . -10.33 -6.03 -0.61
HAX GY1 B . -11.96 -6.71 -0.44
#